data_7VEO
#
_entry.id   7VEO
#
_cell.length_a   149.150
_cell.length_b   69.170
_cell.length_c   57.820
_cell.angle_alpha   90.000
_cell.angle_beta   99.980
_cell.angle_gamma   90.000
#
_symmetry.space_group_name_H-M   'C 1 2 1'
#
loop_
_entity.id
_entity.type
_entity.pdbx_description
1 polymer 'Methyltranfer_dom domain-containing protein'
2 non-polymer S-ADENOSYL-L-HOMOCYSTEINE
3 water water
#
_entity_poly.entity_id   1
_entity_poly.type   'polypeptide(L)'
_entity_poly.pdbx_seq_one_letter_code
;MHHHHHHSSGVDLGTENLYFQMNDHLDFYHDCNDVTRIDAIESLTEYGSKLKFKPKAKVIEVGCADGSVSNILFQHLPKD
IELLLSCDKNEKAVQFAKEHYKNNKTAYRVLDIEGDLPEDLKGKFDNFISLMTFHWVPQQEKAFRNVYDLLAEDGECFLT
LKSYSHIYHMFVLQSKSRKWGPFMKNMKNFLSPYYDLSMPDQHIAKILKNVGFKNIDVRSKQKMYTFKNLEKFRGLMIGV
NPFKVPENEFENYIDDLMETARTLRIIDEENGTLSFLFNMNIVHCTK
;
_entity_poly.pdbx_strand_id   A,B
#
loop_
_chem_comp.id
_chem_comp.type
_chem_comp.name
_chem_comp.formula
SAH non-polymer S-ADENOSYL-L-HOMOCYSTEINE 'C14 H20 N6 O5 S'
#
# COMPACT_ATOMS: atom_id res chain seq x y z
N ASN A 33 15.55 4.65 11.73
CA ASN A 33 16.28 3.35 11.58
C ASN A 33 15.60 2.20 12.35
N ASP A 34 14.86 2.47 13.46
CA ASP A 34 14.00 1.42 14.08
C ASP A 34 12.86 1.08 13.11
N VAL A 35 12.52 2.00 12.19
CA VAL A 35 11.60 1.76 11.04
C VAL A 35 12.19 0.65 10.17
N THR A 36 13.40 0.89 9.64
CA THR A 36 14.23 -0.02 8.81
C THR A 36 14.37 -1.39 9.52
N ARG A 37 14.63 -1.33 10.83
CA ARG A 37 14.91 -2.49 11.72
C ARG A 37 13.64 -3.31 11.88
N ILE A 38 12.51 -2.66 12.19
CA ILE A 38 11.19 -3.34 12.43
C ILE A 38 10.62 -3.77 11.07
N ASP A 39 10.94 -3.08 9.97
CA ASP A 39 10.65 -3.59 8.61
C ASP A 39 11.41 -4.92 8.39
N ALA A 40 12.73 -4.93 8.63
CA ALA A 40 13.63 -6.11 8.43
C ALA A 40 12.95 -7.37 8.98
N ILE A 41 12.60 -7.32 10.27
CA ILE A 41 11.93 -8.42 10.99
C ILE A 41 10.68 -8.84 10.19
N GLU A 42 9.68 -7.97 10.10
CA GLU A 42 8.40 -8.27 9.41
C GLU A 42 8.68 -8.85 8.01
N SER A 43 9.56 -8.20 7.24
CA SER A 43 10.00 -8.66 5.90
C SER A 43 10.42 -10.13 5.98
N LEU A 44 11.48 -10.41 6.73
CA LEU A 44 12.16 -11.73 6.76
C LEU A 44 11.27 -12.78 7.45
N THR A 45 10.49 -12.37 8.46
CA THR A 45 9.55 -13.26 9.20
C THR A 45 8.42 -13.68 8.25
N GLU A 46 7.88 -12.75 7.47
CA GLU A 46 6.77 -13.04 6.52
C GLU A 46 7.28 -13.84 5.32
N TYR A 47 8.58 -13.77 5.02
CA TYR A 47 9.17 -14.30 3.75
C TYR A 47 10.29 -15.32 4.02
N GLY A 48 10.54 -15.71 5.27
CA GLY A 48 11.63 -16.62 5.68
C GLY A 48 11.54 -17.97 5.01
N SER A 49 10.41 -18.66 5.18
CA SER A 49 10.12 -20.03 4.66
C SER A 49 10.26 -20.05 3.13
N LYS A 50 9.89 -18.95 2.47
CA LYS A 50 9.90 -18.82 0.99
C LYS A 50 11.32 -18.51 0.50
N LEU A 51 12.14 -17.85 1.32
CA LEU A 51 13.50 -17.44 0.87
C LEU A 51 14.44 -18.65 0.95
N LYS A 52 14.93 -19.08 -0.21
CA LYS A 52 15.66 -20.36 -0.41
C LYS A 52 17.15 -20.05 -0.49
N PHE A 53 17.97 -20.76 0.29
CA PHE A 53 19.45 -20.78 0.20
C PHE A 53 19.91 -22.20 -0.11
N LYS A 54 21.03 -22.29 -0.81
CA LYS A 54 21.73 -23.57 -1.13
C LYS A 54 22.77 -23.81 -0.03
N PRO A 55 23.36 -25.02 0.07
CA PRO A 55 24.55 -25.21 0.88
C PRO A 55 25.72 -24.31 0.42
N LYS A 56 26.47 -23.74 1.36
CA LYS A 56 27.70 -22.94 1.12
C LYS A 56 27.37 -21.60 0.43
N ALA A 57 26.13 -21.12 0.50
CA ALA A 57 25.66 -19.88 -0.18
C ALA A 57 26.69 -18.75 -0.01
N LYS A 58 27.07 -18.09 -1.11
CA LYS A 58 27.83 -16.80 -1.11
C LYS A 58 26.79 -15.68 -1.17
N VAL A 59 26.65 -14.92 -0.08
CA VAL A 59 25.54 -13.96 0.14
C VAL A 59 26.12 -12.53 0.13
N ILE A 60 25.45 -11.63 -0.58
CA ILE A 60 25.83 -10.20 -0.65
C ILE A 60 24.66 -9.37 -0.09
N GLU A 61 24.97 -8.42 0.79
CA GLU A 61 23.97 -7.49 1.39
C GLU A 61 24.33 -6.07 0.97
N VAL A 62 23.34 -5.35 0.46
CA VAL A 62 23.48 -3.90 0.13
C VAL A 62 22.58 -3.12 1.08
N GLY A 63 23.18 -2.30 1.95
CA GLY A 63 22.44 -1.29 2.72
C GLY A 63 23.35 -0.34 3.46
N CYS A 64 23.28 -0.37 4.78
CA CYS A 64 24.20 0.35 5.68
C CYS A 64 25.31 -0.61 6.09
N ALA A 65 26.46 -0.08 6.51
CA ALA A 65 27.59 -0.86 7.07
C ALA A 65 27.50 -0.87 8.60
N ASP A 66 26.28 -0.85 9.16
CA ASP A 66 25.99 -1.15 10.58
C ASP A 66 25.60 -2.63 10.67
N GLY A 67 26.35 -3.42 11.44
CA GLY A 67 26.13 -4.86 11.63
C GLY A 67 24.82 -5.13 12.36
N SER A 68 24.23 -4.09 12.97
CA SER A 68 22.87 -4.09 13.58
C SER A 68 21.96 -5.01 12.76
N VAL A 69 21.71 -4.65 11.50
CA VAL A 69 20.78 -5.36 10.56
C VAL A 69 21.46 -6.61 9.97
N SER A 70 22.80 -6.70 10.02
CA SER A 70 23.56 -7.91 9.62
C SER A 70 23.32 -9.03 10.64
N ASN A 71 23.21 -8.69 11.93
CA ASN A 71 22.89 -9.62 13.05
C ASN A 71 21.50 -10.23 12.83
N ILE A 72 20.51 -9.37 12.56
CA ILE A 72 19.07 -9.76 12.42
C ILE A 72 18.92 -10.60 11.14
N LEU A 73 19.74 -10.32 10.13
CA LEU A 73 19.92 -11.19 8.94
C LEU A 73 20.37 -12.59 9.39
N PHE A 74 21.45 -12.65 10.18
CA PHE A 74 22.16 -13.90 10.59
C PHE A 74 21.20 -14.92 11.24
N GLN A 75 20.19 -14.49 12.00
CA GLN A 75 19.17 -15.39 12.58
C GLN A 75 18.38 -16.11 11.47
N HIS A 76 18.06 -15.39 10.38
CA HIS A 76 17.28 -15.89 9.22
C HIS A 76 18.21 -16.51 8.16
N LEU A 77 19.51 -16.19 8.19
CA LEU A 77 20.54 -16.83 7.32
C LEU A 77 20.81 -18.24 7.84
N PRO A 78 21.01 -19.24 6.95
CA PRO A 78 21.28 -20.60 7.39
C PRO A 78 22.76 -20.65 7.81
N LYS A 79 23.11 -21.55 8.73
CA LYS A 79 24.38 -21.55 9.51
C LYS A 79 25.53 -22.10 8.66
N ASP A 80 25.22 -22.83 7.57
CA ASP A 80 26.16 -23.59 6.70
C ASP A 80 26.69 -22.73 5.55
N ILE A 81 26.21 -21.49 5.38
CA ILE A 81 26.66 -20.52 4.32
C ILE A 81 28.16 -20.29 4.47
N GLU A 82 28.84 -19.91 3.38
CA GLU A 82 30.32 -19.74 3.33
C GLU A 82 30.71 -18.29 3.63
N LEU A 83 30.07 -17.29 3.03
CA LEU A 83 30.51 -15.87 3.08
C LEU A 83 29.30 -14.92 3.11
N LEU A 84 29.38 -13.84 3.90
CA LEU A 84 28.46 -12.67 3.79
C LEU A 84 29.28 -11.40 3.53
N LEU A 85 29.22 -10.86 2.31
CA LEU A 85 29.79 -9.54 1.96
C LEU A 85 28.72 -8.45 2.12
N SER A 86 28.84 -7.60 3.13
CA SER A 86 27.89 -6.49 3.39
C SER A 86 28.52 -5.19 2.92
N CYS A 87 27.99 -4.62 1.84
CA CYS A 87 28.51 -3.42 1.15
C CYS A 87 27.64 -2.19 1.50
N ASP A 88 28.16 -1.01 1.16
CA ASP A 88 27.51 0.30 1.35
C ASP A 88 28.23 1.29 0.44
N LYS A 89 27.58 2.38 0.03
CA LYS A 89 28.23 3.43 -0.79
C LYS A 89 29.23 4.23 0.07
N ASN A 90 29.07 4.22 1.40
CA ASN A 90 29.70 5.20 2.33
C ASN A 90 31.08 4.71 2.80
N GLU A 91 32.15 5.35 2.31
CA GLU A 91 33.57 5.06 2.63
C GLU A 91 33.77 5.02 4.16
N LYS A 92 33.27 6.02 4.88
CA LYS A 92 33.50 6.11 6.35
C LYS A 92 32.82 4.88 6.99
N ALA A 93 31.58 4.56 6.59
CA ALA A 93 30.77 3.48 7.20
C ALA A 93 31.45 2.12 7.05
N VAL A 94 32.02 1.79 5.89
CA VAL A 94 32.77 0.51 5.69
C VAL A 94 33.99 0.49 6.63
N GLN A 95 34.83 1.52 6.56
CA GLN A 95 36.11 1.66 7.32
C GLN A 95 35.81 1.32 8.78
N PHE A 96 34.82 1.99 9.37
CA PHE A 96 34.38 1.83 10.78
C PHE A 96 34.04 0.37 11.07
N ALA A 97 33.21 -0.24 10.21
CA ALA A 97 32.74 -1.63 10.35
C ALA A 97 33.94 -2.58 10.39
N LYS A 98 34.79 -2.60 9.35
CA LYS A 98 35.91 -3.58 9.27
C LYS A 98 36.86 -3.35 10.47
N GLU A 99 36.90 -2.12 10.99
CA GLU A 99 37.66 -1.74 12.22
C GLU A 99 37.06 -2.41 13.46
N HIS A 100 35.74 -2.32 13.67
CA HIS A 100 35.07 -2.58 14.97
C HIS A 100 34.19 -3.84 14.96
N TYR A 101 33.46 -4.12 13.89
CA TYR A 101 32.44 -5.21 13.86
C TYR A 101 33.14 -6.53 13.53
N LYS A 102 32.60 -7.64 14.03
CA LYS A 102 33.37 -8.91 14.10
C LYS A 102 32.44 -10.12 14.07
N ASN A 103 32.03 -10.52 12.86
CA ASN A 103 31.59 -11.89 12.50
C ASN A 103 32.54 -12.36 11.40
N ASN A 104 33.30 -13.44 11.66
CA ASN A 104 34.46 -13.90 10.84
C ASN A 104 33.99 -14.35 9.46
N LYS A 105 32.69 -14.67 9.34
CA LYS A 105 32.04 -15.13 8.07
C LYS A 105 31.40 -13.93 7.36
N THR A 106 31.90 -12.72 7.61
CA THR A 106 31.36 -11.42 7.12
C THR A 106 32.52 -10.51 6.71
N ALA A 107 32.50 -10.00 5.49
CA ALA A 107 33.44 -8.97 5.00
C ALA A 107 32.66 -7.67 4.75
N TYR A 108 33.36 -6.54 4.61
CA TYR A 108 32.81 -5.21 4.30
C TYR A 108 33.56 -4.61 3.09
N ARG A 109 32.82 -4.22 2.06
CA ARG A 109 33.33 -3.69 0.78
C ARG A 109 32.56 -2.41 0.47
N VAL A 110 33.25 -1.34 0.08
CA VAL A 110 32.57 -0.13 -0.46
C VAL A 110 32.09 -0.48 -1.89
N LEU A 111 30.78 -0.33 -2.14
CA LEU A 111 30.11 -0.63 -3.43
C LEU A 111 29.01 0.42 -3.69
N ASP A 112 28.84 0.79 -4.95
CA ASP A 112 27.75 1.70 -5.44
C ASP A 112 26.98 0.96 -6.54
N ILE A 113 25.74 0.56 -6.26
CA ILE A 113 24.92 -0.26 -7.21
C ILE A 113 24.35 0.65 -8.32
N GLU A 114 24.57 1.96 -8.25
CA GLU A 114 24.30 2.93 -9.35
C GLU A 114 25.55 3.08 -10.23
N GLY A 115 26.73 2.68 -9.74
CA GLY A 115 27.99 2.68 -10.50
C GLY A 115 28.21 1.35 -11.23
N ASP A 116 29.34 1.22 -11.91
CA ASP A 116 29.72 0.01 -12.71
C ASP A 116 30.51 -0.95 -11.82
N LEU A 117 30.09 -2.21 -11.72
CA LEU A 117 30.64 -3.21 -10.76
C LEU A 117 32.12 -3.48 -11.04
N PRO A 118 32.90 -3.87 -10.00
CA PRO A 118 34.23 -4.43 -10.21
C PRO A 118 34.11 -5.88 -10.69
N GLU A 119 34.82 -6.22 -11.77
CA GLU A 119 34.76 -7.53 -12.49
C GLU A 119 34.88 -8.73 -11.52
N ASP A 120 35.51 -8.57 -10.35
CA ASP A 120 35.76 -9.69 -9.40
C ASP A 120 34.45 -10.16 -8.74
N LEU A 121 33.41 -9.31 -8.72
CA LEU A 121 32.13 -9.58 -8.01
C LEU A 121 31.06 -10.10 -8.99
N LYS A 122 31.16 -9.77 -10.28
CA LYS A 122 30.19 -10.25 -11.32
C LYS A 122 30.11 -11.78 -11.26
N GLY A 123 28.89 -12.32 -11.32
CA GLY A 123 28.59 -13.77 -11.39
C GLY A 123 28.73 -14.49 -10.06
N LYS A 124 29.28 -13.85 -9.03
CA LYS A 124 29.93 -14.51 -7.85
C LYS A 124 28.96 -14.83 -6.69
N PHE A 125 27.67 -14.48 -6.74
CA PHE A 125 26.78 -14.53 -5.55
C PHE A 125 25.51 -15.35 -5.83
N ASP A 126 25.08 -16.12 -4.83
CA ASP A 126 23.91 -17.04 -4.91
C ASP A 126 22.68 -16.37 -4.27
N ASN A 127 22.88 -15.31 -3.48
CA ASN A 127 21.76 -14.60 -2.79
C ASN A 127 22.14 -13.13 -2.65
N PHE A 128 21.27 -12.24 -3.12
CA PHE A 128 21.40 -10.77 -2.97
C PHE A 128 20.33 -10.31 -1.97
N ILE A 129 20.71 -9.50 -0.97
CA ILE A 129 19.76 -8.95 0.06
C ILE A 129 19.92 -7.44 0.15
N SER A 130 18.83 -6.68 0.01
CA SER A 130 18.85 -5.22 0.29
C SER A 130 17.51 -4.78 0.89
N LEU A 131 17.51 -4.56 2.22
CA LEU A 131 16.36 -4.08 3.03
C LEU A 131 16.34 -2.54 3.09
N MET A 132 15.28 -1.92 2.57
CA MET A 132 14.97 -0.46 2.72
C MET A 132 16.15 0.40 2.28
N THR A 133 16.65 0.19 1.05
CA THR A 133 17.79 0.93 0.46
C THR A 133 17.43 1.49 -0.92
N PHE A 134 16.78 0.70 -1.77
CA PHE A 134 16.60 0.96 -3.22
C PHE A 134 15.68 2.16 -3.47
N HIS A 135 14.92 2.60 -2.45
CA HIS A 135 14.12 3.85 -2.58
C HIS A 135 15.07 5.07 -2.70
N TRP A 136 16.32 4.96 -2.24
CA TRP A 136 17.37 6.02 -2.38
C TRP A 136 18.08 5.96 -3.75
N VAL A 137 17.66 5.07 -4.65
CA VAL A 137 18.38 4.84 -5.95
C VAL A 137 17.53 5.34 -7.11
N PRO A 138 17.80 6.54 -7.66
CA PRO A 138 17.06 7.05 -8.81
C PRO A 138 17.13 6.17 -10.07
N GLN A 139 18.33 5.72 -10.43
CA GLN A 139 18.58 4.83 -11.60
C GLN A 139 18.19 3.40 -11.23
N GLN A 140 16.89 3.13 -11.13
CA GLN A 140 16.33 1.81 -10.72
C GLN A 140 16.77 0.73 -11.71
N GLU A 141 16.73 0.99 -13.02
CA GLU A 141 17.02 -0.02 -14.07
C GLU A 141 18.49 -0.40 -13.96
N LYS A 142 19.39 0.58 -13.89
CA LYS A 142 20.84 0.33 -13.76
C LYS A 142 21.11 -0.54 -12.54
N ALA A 143 20.43 -0.28 -11.42
CA ALA A 143 20.65 -0.98 -10.13
C ALA A 143 20.21 -2.45 -10.23
N PHE A 144 19.02 -2.74 -10.76
CA PHE A 144 18.54 -4.14 -10.84
C PHE A 144 19.38 -4.95 -11.83
N ARG A 145 19.97 -4.31 -12.83
CA ARG A 145 20.78 -5.08 -13.82
C ARG A 145 22.18 -5.30 -13.22
N ASN A 146 22.53 -4.50 -12.20
CA ASN A 146 23.74 -4.74 -11.39
C ASN A 146 23.46 -5.90 -10.43
N VAL A 147 22.28 -5.95 -9.82
CA VAL A 147 21.90 -7.07 -8.93
C VAL A 147 21.89 -8.36 -9.78
N TYR A 148 21.47 -8.26 -11.03
CA TYR A 148 21.41 -9.39 -11.99
C TYR A 148 22.82 -9.91 -12.27
N ASP A 149 23.78 -8.98 -12.37
CA ASP A 149 25.15 -9.32 -12.79
C ASP A 149 25.86 -9.99 -11.62
N LEU A 150 25.65 -9.51 -10.39
CA LEU A 150 26.29 -10.02 -9.15
C LEU A 150 25.94 -11.48 -8.90
N LEU A 151 24.78 -11.93 -9.35
CA LEU A 151 24.33 -13.34 -9.10
C LEU A 151 25.09 -14.31 -10.03
N ALA A 152 25.23 -15.55 -9.58
CA ALA A 152 25.55 -16.75 -10.40
C ALA A 152 24.24 -17.39 -10.85
N GLU A 153 24.28 -18.32 -11.79
CA GLU A 153 23.07 -19.03 -12.29
C GLU A 153 22.24 -19.48 -11.07
N ASP A 154 20.91 -19.46 -11.22
CA ASP A 154 19.92 -19.93 -10.21
C ASP A 154 19.98 -19.07 -8.94
N GLY A 155 20.76 -17.97 -8.94
CA GLY A 155 20.81 -17.00 -7.83
C GLY A 155 19.44 -16.41 -7.52
N GLU A 156 19.20 -16.05 -6.26
CA GLU A 156 17.94 -15.40 -5.79
C GLU A 156 18.27 -14.00 -5.25
N CYS A 157 17.33 -13.07 -5.40
CA CYS A 157 17.40 -11.67 -4.88
C CYS A 157 16.21 -11.42 -3.95
N PHE A 158 16.46 -10.72 -2.84
CA PHE A 158 15.42 -10.27 -1.90
C PHE A 158 15.60 -8.77 -1.66
N LEU A 159 14.65 -7.97 -2.11
CA LEU A 159 14.64 -6.51 -1.88
C LEU A 159 13.37 -6.09 -1.14
N THR A 160 13.51 -5.09 -0.30
CA THR A 160 12.38 -4.24 0.14
C THR A 160 12.78 -2.79 -0.15
N LEU A 161 11.82 -1.99 -0.61
CA LEU A 161 11.98 -0.54 -0.83
C LEU A 161 10.66 0.17 -0.50
N LYS A 162 10.76 1.46 -0.18
CA LYS A 162 9.62 2.37 0.09
C LYS A 162 9.04 2.88 -1.23
N SER A 163 7.72 3.01 -1.31
CA SER A 163 7.03 3.89 -2.27
C SER A 163 6.53 5.11 -1.45
N TYR A 164 5.24 5.44 -1.51
CA TYR A 164 4.62 6.53 -0.73
C TYR A 164 4.89 6.38 0.77
N SER A 165 5.04 7.52 1.44
CA SER A 165 5.31 7.63 2.89
C SER A 165 4.84 8.99 3.40
N HIS A 166 4.37 9.04 4.65
CA HIS A 166 4.06 10.29 5.36
C HIS A 166 5.33 11.10 5.60
N ILE A 167 6.45 10.42 5.75
CA ILE A 167 7.76 11.08 5.97
C ILE A 167 8.10 11.84 4.69
N TYR A 168 8.09 11.15 3.56
CA TYR A 168 8.30 11.80 2.24
C TYR A 168 7.33 12.98 2.13
N HIS A 169 6.06 12.76 2.46
CA HIS A 169 4.98 13.74 2.22
C HIS A 169 5.25 14.99 3.08
N MET A 170 5.78 14.79 4.29
CA MET A 170 6.19 15.89 5.19
C MET A 170 7.21 16.79 4.47
N PHE A 171 8.23 16.22 3.84
CA PHE A 171 9.25 16.94 3.03
C PHE A 171 8.60 17.63 1.83
N VAL A 172 7.57 17.01 1.24
CA VAL A 172 6.89 17.60 0.04
C VAL A 172 6.23 18.91 0.48
N LEU A 173 5.58 18.94 1.65
CA LEU A 173 4.92 20.16 2.21
C LEU A 173 5.99 21.23 2.44
N GLN A 174 7.11 20.85 3.04
CA GLN A 174 8.27 21.74 3.29
C GLN A 174 8.72 22.36 1.96
N SER A 175 8.92 21.52 0.95
CA SER A 175 9.42 21.91 -0.40
C SER A 175 8.55 23.03 -0.97
N LYS A 176 7.26 23.07 -0.63
CA LYS A 176 6.27 24.00 -1.23
C LYS A 176 6.24 25.35 -0.50
N SER A 177 6.99 25.54 0.57
CA SER A 177 7.06 26.83 1.33
C SER A 177 8.00 27.81 0.61
N ARG A 178 7.73 29.12 0.74
CA ARG A 178 8.57 30.18 0.12
C ARG A 178 9.98 30.21 0.77
N LYS A 179 10.10 29.98 2.08
CA LYS A 179 11.41 30.08 2.79
C LYS A 179 12.36 28.97 2.37
N TRP A 180 11.86 27.74 2.29
CA TRP A 180 12.69 26.50 2.22
C TRP A 180 12.74 25.97 0.78
N GLY A 181 11.68 26.19 0.00
CA GLY A 181 11.61 25.77 -1.41
C GLY A 181 12.99 25.85 -2.07
N PRO A 182 13.57 27.08 -2.16
CA PRO A 182 14.91 27.27 -2.73
C PRO A 182 16.00 26.28 -2.32
N PHE A 183 16.02 25.78 -1.08
CA PHE A 183 17.06 24.85 -0.56
C PHE A 183 16.68 23.38 -0.83
N MET A 184 15.51 23.14 -1.43
CA MET A 184 14.92 21.78 -1.63
C MET A 184 14.57 21.58 -3.11
N LYS A 185 15.53 21.89 -4.01
CA LYS A 185 15.38 21.82 -5.48
C LYS A 185 15.36 20.35 -5.92
N ASN A 186 16.10 19.48 -5.22
CA ASN A 186 16.43 18.10 -5.69
C ASN A 186 15.45 17.05 -5.12
N MET A 187 14.15 17.36 -5.08
CA MET A 187 13.10 16.53 -4.43
C MET A 187 12.85 15.25 -5.23
N LYS A 188 12.77 15.33 -6.55
CA LYS A 188 12.58 14.16 -7.46
C LYS A 188 13.51 13.01 -7.02
N ASN A 189 14.80 13.31 -6.85
CA ASN A 189 15.85 12.29 -6.61
C ASN A 189 15.86 11.83 -5.15
N PHE A 190 15.36 12.64 -4.20
CA PHE A 190 15.27 12.28 -2.76
C PHE A 190 14.05 11.39 -2.49
N LEU A 191 12.89 11.75 -3.05
CA LEU A 191 11.65 10.94 -2.98
C LEU A 191 11.94 9.58 -3.61
N SER A 192 11.39 8.50 -3.07
CA SER A 192 11.28 7.23 -3.83
C SER A 192 10.92 7.56 -5.27
N PRO A 193 11.53 6.88 -6.26
CA PRO A 193 10.99 6.92 -7.62
C PRO A 193 9.53 6.47 -7.70
N TYR A 194 8.99 5.78 -6.67
CA TYR A 194 7.62 5.20 -6.66
C TYR A 194 6.67 5.98 -5.76
N TYR A 195 7.14 7.08 -5.14
CA TYR A 195 6.36 7.95 -4.23
C TYR A 195 4.94 8.18 -4.75
N ASP A 196 4.76 8.53 -6.03
CA ASP A 196 3.43 8.92 -6.57
C ASP A 196 3.05 8.11 -7.82
N LEU A 197 3.56 6.90 -7.99
CA LEU A 197 3.13 6.06 -9.13
C LEU A 197 1.92 5.22 -8.70
N SER A 198 0.97 5.05 -9.60
CA SER A 198 -0.08 4.01 -9.46
C SER A 198 0.60 2.66 -9.69
N MET A 199 0.34 1.73 -8.78
CA MET A 199 0.74 0.30 -8.86
C MET A 199 2.25 0.16 -9.10
N PRO A 200 3.08 0.55 -8.11
CA PRO A 200 4.52 0.38 -8.23
C PRO A 200 4.92 -1.10 -8.35
N ASP A 201 4.11 -2.01 -7.83
CA ASP A 201 4.40 -3.47 -7.98
C ASP A 201 4.58 -3.77 -9.47
N GLN A 202 3.66 -3.30 -10.33
CA GLN A 202 3.69 -3.52 -11.80
C GLN A 202 4.93 -2.85 -12.40
N HIS A 203 5.24 -1.61 -12.00
CA HIS A 203 6.43 -0.87 -12.51
C HIS A 203 7.69 -1.66 -12.20
N ILE A 204 7.84 -2.12 -10.96
CA ILE A 204 9.08 -2.84 -10.49
C ILE A 204 9.17 -4.19 -11.23
N ALA A 205 8.08 -4.94 -11.30
CA ALA A 205 7.99 -6.25 -11.96
C ALA A 205 8.45 -6.09 -13.40
N LYS A 206 8.02 -5.03 -14.07
CA LYS A 206 8.34 -4.84 -15.50
C LYS A 206 9.87 -4.70 -15.62
N ILE A 207 10.48 -3.82 -14.83
CA ILE A 207 11.93 -3.53 -14.90
C ILE A 207 12.71 -4.82 -14.63
N LEU A 208 12.18 -5.68 -13.76
CA LEU A 208 12.83 -6.96 -13.37
C LEU A 208 12.77 -7.92 -14.56
N LYS A 209 11.60 -8.07 -15.18
CA LYS A 209 11.39 -8.89 -16.40
C LYS A 209 12.44 -8.42 -17.42
N ASN A 210 12.43 -7.13 -17.72
CA ASN A 210 13.25 -6.47 -18.78
C ASN A 210 14.74 -6.69 -18.53
N VAL A 211 15.16 -6.87 -17.28
CA VAL A 211 16.58 -7.16 -16.95
C VAL A 211 16.85 -8.67 -17.06
N GLY A 212 15.82 -9.52 -16.96
CA GLY A 212 15.91 -10.95 -17.29
C GLY A 212 15.64 -11.88 -16.10
N PHE A 213 15.22 -11.36 -14.95
CA PHE A 213 14.85 -12.15 -13.76
C PHE A 213 13.65 -13.04 -14.06
N LYS A 214 13.46 -14.08 -13.24
CA LYS A 214 12.46 -15.17 -13.39
C LYS A 214 11.68 -15.34 -12.09
N ASN A 215 10.46 -15.87 -12.15
CA ASN A 215 9.63 -16.16 -10.95
C ASN A 215 9.49 -14.87 -10.14
N ILE A 216 9.16 -13.80 -10.85
CA ILE A 216 9.11 -12.41 -10.30
C ILE A 216 7.85 -12.29 -9.44
N ASP A 217 8.04 -12.09 -8.14
CA ASP A 217 6.95 -11.83 -7.17
C ASP A 217 7.19 -10.44 -6.58
N VAL A 218 6.31 -9.49 -6.86
CA VAL A 218 6.39 -8.16 -6.19
C VAL A 218 5.07 -7.87 -5.48
N ARG A 219 5.14 -7.71 -4.16
CA ARG A 219 4.00 -7.44 -3.24
C ARG A 219 4.12 -6.02 -2.67
N SER A 220 3.04 -5.23 -2.69
CA SER A 220 2.98 -3.94 -1.96
C SER A 220 2.40 -4.19 -0.56
N LYS A 221 2.84 -3.39 0.41
CA LYS A 221 2.48 -3.52 1.84
C LYS A 221 2.13 -2.13 2.38
N GLN A 222 0.97 -2.00 3.02
CA GLN A 222 0.62 -0.83 3.87
C GLN A 222 1.16 -1.09 5.28
N LYS A 223 2.18 -0.35 5.71
CA LYS A 223 2.76 -0.44 7.07
C LYS A 223 2.45 0.84 7.85
N MET A 224 2.36 0.72 9.17
CA MET A 224 2.20 1.84 10.13
C MET A 224 3.34 1.73 11.14
N TYR A 225 3.93 2.84 11.58
CA TYR A 225 4.91 2.83 12.68
C TYR A 225 4.59 3.98 13.63
N THR A 226 4.57 3.69 14.94
CA THR A 226 4.39 4.66 16.04
C THR A 226 5.73 4.95 16.74
N PHE A 227 6.18 6.20 16.69
CA PHE A 227 7.22 6.77 17.58
C PHE A 227 6.60 7.04 18.96
N LYS A 228 7.31 6.62 20.01
CA LYS A 228 6.85 6.76 21.42
C LYS A 228 7.23 8.14 21.96
N ASN A 229 8.40 8.68 21.62
CA ASN A 229 8.85 10.04 22.05
C ASN A 229 9.29 10.81 20.81
N LEU A 230 8.89 12.07 20.74
CA LEU A 230 8.97 12.92 19.52
C LEU A 230 10.38 13.46 19.33
N GLU A 231 11.23 13.43 20.36
CA GLU A 231 12.65 13.86 20.23
C GLU A 231 13.42 12.79 19.47
N LYS A 232 12.97 11.53 19.52
CA LYS A 232 13.61 10.44 18.72
C LYS A 232 13.20 10.58 17.26
N PHE A 233 11.99 11.11 17.01
CA PHE A 233 11.44 11.34 15.65
C PHE A 233 12.13 12.54 15.01
N ARG A 234 12.28 13.64 15.76
CA ARG A 234 13.13 14.80 15.35
C ARG A 234 14.53 14.27 15.01
N GLY A 235 15.02 13.32 15.80
CA GLY A 235 16.26 12.55 15.52
C GLY A 235 16.26 11.95 14.12
N LEU A 236 15.21 11.21 13.76
CA LEU A 236 15.12 10.47 12.46
C LEU A 236 15.01 11.47 11.29
N MET A 237 14.21 12.54 11.41
CA MET A 237 14.02 13.54 10.33
C MET A 237 15.35 14.26 10.07
N ILE A 238 16.15 14.57 11.10
CA ILE A 238 17.52 15.09 10.85
C ILE A 238 18.35 13.99 10.18
N GLY A 239 18.17 12.74 10.62
CA GLY A 239 18.74 11.54 10.00
C GLY A 239 18.50 11.45 8.50
N VAL A 240 17.24 11.52 8.04
CA VAL A 240 16.88 11.24 6.61
C VAL A 240 17.06 12.52 5.77
N ASN A 241 16.96 13.71 6.38
CA ASN A 241 17.00 15.01 5.66
C ASN A 241 18.30 15.16 4.87
N PRO A 242 18.26 15.28 3.53
CA PRO A 242 19.47 15.45 2.73
C PRO A 242 19.81 16.89 2.33
N PHE A 243 18.88 17.84 2.50
CA PHE A 243 19.02 19.24 2.00
C PHE A 243 19.95 20.01 2.93
N LYS A 244 20.76 20.93 2.38
CA LYS A 244 21.62 21.86 3.17
C LYS A 244 20.88 23.20 3.26
N VAL A 245 20.70 23.68 4.49
CA VAL A 245 20.31 25.09 4.82
C VAL A 245 21.46 25.78 5.57
N PRO A 246 21.54 27.13 5.55
CA PRO A 246 22.50 27.86 6.40
C PRO A 246 22.43 27.45 7.87
N GLU A 247 23.59 27.27 8.52
CA GLU A 247 23.71 26.65 9.87
C GLU A 247 22.93 27.48 10.91
N ASN A 248 22.76 28.78 10.68
CA ASN A 248 22.00 29.70 11.57
C ASN A 248 20.48 29.51 11.36
N GLU A 249 20.07 28.87 10.26
CA GLU A 249 18.64 28.70 9.86
C GLU A 249 18.19 27.26 10.10
N PHE A 250 19.10 26.35 10.46
CA PHE A 250 18.86 24.89 10.46
C PHE A 250 17.81 24.51 11.52
N GLU A 251 17.89 25.10 12.72
CA GLU A 251 16.96 24.79 13.84
C GLU A 251 15.55 25.26 13.45
N ASN A 252 15.45 26.31 12.65
CA ASN A 252 14.17 26.85 12.10
C ASN A 252 13.58 25.90 11.03
N TYR A 253 14.44 25.31 10.19
CA TYR A 253 14.03 24.40 9.09
C TYR A 253 13.44 23.11 9.65
N ILE A 254 14.09 22.53 10.66
CA ILE A 254 13.64 21.26 11.33
C ILE A 254 12.37 21.58 12.13
N ASP A 255 12.32 22.74 12.79
CA ASP A 255 11.12 23.16 13.57
C ASP A 255 9.91 23.17 12.64
N ASP A 256 10.06 23.80 11.47
CA ASP A 256 9.01 23.92 10.43
C ASP A 256 8.69 22.54 9.83
N LEU A 257 9.66 21.63 9.80
CA LEU A 257 9.49 20.24 9.30
C LEU A 257 8.63 19.47 10.30
N MET A 258 8.95 19.61 11.59
CA MET A 258 8.12 19.05 12.70
C MET A 258 6.68 19.55 12.59
N GLU A 259 6.46 20.81 12.21
CA GLU A 259 5.10 21.40 12.13
C GLU A 259 4.28 20.64 11.06
N THR A 260 4.89 20.23 9.94
CA THR A 260 4.18 19.49 8.87
C THR A 260 3.50 18.23 9.45
N ALA A 261 4.05 17.61 10.49
CA ALA A 261 3.46 16.40 11.13
C ALA A 261 2.21 16.81 11.90
N ARG A 262 2.18 18.04 12.42
CA ARG A 262 0.97 18.56 13.10
C ARG A 262 -0.05 18.94 12.02
N THR A 263 0.41 19.35 10.85
CA THR A 263 -0.45 19.72 9.69
C THR A 263 -1.16 18.46 9.18
N LEU A 264 -0.42 17.36 8.94
CA LEU A 264 -0.96 16.03 8.56
C LEU A 264 -1.72 15.44 9.74
N ARG A 265 -1.51 15.97 10.95
CA ARG A 265 -2.18 15.55 12.22
C ARG A 265 -1.84 14.11 12.60
N ILE A 266 -0.59 13.70 12.38
CA ILE A 266 -0.13 12.33 12.67
C ILE A 266 0.55 12.28 14.05
N ILE A 267 0.71 13.43 14.69
CA ILE A 267 1.13 13.59 16.11
C ILE A 267 -0.13 13.57 16.98
N ASP A 268 -0.12 12.74 18.03
CA ASP A 268 -1.12 12.74 19.14
C ASP A 268 -0.48 13.48 20.33
N GLU A 269 -0.84 14.76 20.53
CA GLU A 269 -0.17 15.68 21.50
C GLU A 269 -0.43 15.24 22.95
N GLU A 270 -1.52 14.50 23.18
CA GLU A 270 -1.95 14.02 24.53
C GLU A 270 -0.95 13.00 25.09
N ASN A 271 -0.38 12.13 24.23
CA ASN A 271 0.52 11.00 24.61
C ASN A 271 1.96 11.25 24.16
N GLY A 272 2.19 12.30 23.37
CA GLY A 272 3.47 12.55 22.68
C GLY A 272 3.85 11.41 21.74
N THR A 273 2.85 10.81 21.05
CA THR A 273 3.05 9.68 20.09
C THR A 273 2.71 10.14 18.67
N LEU A 274 3.56 9.78 17.72
CA LEU A 274 3.37 10.04 16.28
C LEU A 274 3.20 8.68 15.60
N SER A 275 2.08 8.44 14.95
CA SER A 275 1.81 7.26 14.09
C SER A 275 1.87 7.73 12.63
N PHE A 276 2.63 7.06 11.77
CA PHE A 276 2.67 7.41 10.33
C PHE A 276 2.71 6.17 9.43
N LEU A 277 2.29 6.40 8.20
CA LEU A 277 2.03 5.35 7.19
C LEU A 277 3.14 5.38 6.15
N PHE A 278 3.52 4.21 5.66
CA PHE A 278 4.47 4.11 4.53
C PHE A 278 4.15 2.85 3.73
N ASN A 279 4.13 3.01 2.41
CA ASN A 279 3.92 1.92 1.46
C ASN A 279 5.30 1.32 1.20
N MET A 280 5.40 0.00 1.21
CA MET A 280 6.65 -0.69 0.82
C MET A 280 6.35 -1.76 -0.24
N ASN A 281 7.41 -2.22 -0.90
CA ASN A 281 7.37 -3.24 -1.96
C ASN A 281 8.45 -4.25 -1.60
N ILE A 282 8.09 -5.52 -1.60
CA ILE A 282 8.99 -6.67 -1.36
C ILE A 282 9.13 -7.36 -2.71
N VAL A 283 10.37 -7.53 -3.16
CA VAL A 283 10.76 -8.13 -4.45
C VAL A 283 11.41 -9.48 -4.13
N HIS A 284 10.91 -10.55 -4.74
CA HIS A 284 11.52 -11.89 -4.70
C HIS A 284 11.56 -12.44 -6.13
N CYS A 285 12.78 -12.63 -6.63
CA CYS A 285 13.15 -12.76 -8.06
C CYS A 285 14.22 -13.86 -8.16
N THR A 286 14.24 -14.66 -9.22
CA THR A 286 15.35 -15.63 -9.47
C THR A 286 16.02 -15.29 -10.82
N LYS A 287 17.34 -15.41 -10.87
CA LYS A 287 18.16 -15.13 -12.07
C LYS A 287 17.82 -16.16 -13.16
N ASN B 33 -18.17 7.30 -8.60
CA ASN B 33 -18.62 6.25 -9.58
C ASN B 33 -17.56 6.07 -10.69
N ASP B 34 -16.69 7.06 -10.94
CA ASP B 34 -15.64 7.00 -11.98
C ASP B 34 -14.32 6.47 -11.41
N VAL B 35 -14.02 6.78 -10.14
CA VAL B 35 -12.88 6.16 -9.39
C VAL B 35 -13.10 4.65 -9.33
N THR B 36 -14.25 4.22 -8.81
CA THR B 36 -14.58 2.78 -8.59
C THR B 36 -14.73 2.09 -9.94
N ARG B 37 -15.27 2.79 -10.94
CA ARG B 37 -15.47 2.28 -12.34
C ARG B 37 -14.12 1.85 -12.91
N ILE B 38 -13.13 2.75 -12.92
CA ILE B 38 -11.78 2.42 -13.47
C ILE B 38 -11.15 1.34 -12.57
N ASP B 39 -11.31 1.41 -11.25
CA ASP B 39 -10.72 0.40 -10.32
C ASP B 39 -11.34 -0.97 -10.63
N ALA B 40 -12.66 -1.02 -10.82
CA ALA B 40 -13.39 -2.25 -11.23
C ALA B 40 -12.68 -2.89 -12.42
N ILE B 41 -12.57 -2.10 -13.49
CA ILE B 41 -11.93 -2.51 -14.77
C ILE B 41 -10.48 -2.91 -14.50
N GLU B 42 -9.72 -2.06 -13.81
CA GLU B 42 -8.29 -2.29 -13.46
C GLU B 42 -8.16 -3.67 -12.78
N SER B 43 -8.99 -3.93 -11.78
CA SER B 43 -8.96 -5.15 -10.93
C SER B 43 -9.33 -6.40 -11.73
N LEU B 44 -10.33 -6.30 -12.62
CA LEU B 44 -10.83 -7.47 -13.41
C LEU B 44 -9.86 -7.77 -14.56
N THR B 45 -9.14 -6.78 -15.11
CA THR B 45 -8.00 -7.04 -16.04
C THR B 45 -7.00 -7.91 -15.28
N GLU B 46 -6.48 -7.38 -14.16
CA GLU B 46 -5.32 -7.95 -13.45
C GLU B 46 -5.62 -9.38 -12.99
N TYR B 47 -6.89 -9.67 -12.65
CA TYR B 47 -7.32 -10.94 -12.02
C TYR B 47 -8.28 -11.74 -12.91
N GLY B 48 -8.49 -11.33 -14.18
CA GLY B 48 -9.29 -12.06 -15.18
C GLY B 48 -8.84 -13.52 -15.28
N SER B 49 -7.55 -13.74 -15.49
CA SER B 49 -6.94 -15.07 -15.72
C SER B 49 -7.02 -15.92 -14.43
N LYS B 50 -7.08 -15.29 -13.26
CA LYS B 50 -7.03 -15.95 -11.92
C LYS B 50 -8.42 -16.37 -11.43
N LEU B 51 -9.47 -15.73 -11.95
CA LEU B 51 -10.87 -15.91 -11.48
C LEU B 51 -11.54 -17.00 -12.32
N LYS B 52 -11.85 -18.16 -11.72
CA LYS B 52 -12.44 -19.31 -12.45
C LYS B 52 -13.93 -19.42 -12.10
N PHE B 53 -14.77 -19.59 -13.13
CA PHE B 53 -16.22 -19.83 -13.05
C PHE B 53 -16.51 -21.21 -13.64
N LYS B 54 -17.07 -22.11 -12.83
CA LYS B 54 -17.61 -23.41 -13.29
C LYS B 54 -18.63 -23.16 -14.40
N PRO B 55 -19.01 -24.18 -15.21
CA PRO B 55 -20.02 -23.98 -16.25
C PRO B 55 -21.38 -23.67 -15.61
N LYS B 56 -22.15 -22.75 -16.19
CA LYS B 56 -23.50 -22.35 -15.68
C LYS B 56 -23.41 -21.98 -14.20
N ALA B 57 -22.46 -21.13 -13.82
CA ALA B 57 -22.21 -20.68 -12.43
C ALA B 57 -23.29 -19.69 -11.98
N LYS B 58 -23.72 -19.82 -10.73
CA LYS B 58 -24.50 -18.79 -10.01
C LYS B 58 -23.52 -17.81 -9.36
N VAL B 59 -23.52 -16.56 -9.83
CA VAL B 59 -22.67 -15.46 -9.27
C VAL B 59 -23.58 -14.51 -8.47
N ILE B 60 -23.13 -14.10 -7.30
CA ILE B 60 -23.75 -13.02 -6.49
C ILE B 60 -22.76 -11.85 -6.38
N GLU B 61 -23.12 -10.66 -6.85
CA GLU B 61 -22.35 -9.42 -6.60
C GLU B 61 -22.99 -8.67 -5.43
N VAL B 62 -22.18 -8.12 -4.53
CA VAL B 62 -22.69 -7.34 -3.37
C VAL B 62 -22.12 -5.93 -3.49
N GLY B 63 -23.02 -4.98 -3.30
CA GLY B 63 -22.75 -3.55 -3.40
C GLY B 63 -22.92 -3.10 -4.85
N CYS B 64 -24.01 -3.50 -5.51
CA CYS B 64 -24.29 -3.17 -6.93
C CYS B 64 -24.59 -1.68 -7.09
N ALA B 65 -24.91 -0.98 -6.00
CA ALA B 65 -25.40 0.41 -6.01
C ALA B 65 -26.38 0.54 -7.19
N ASP B 66 -26.17 1.49 -8.10
CA ASP B 66 -27.11 1.83 -9.21
C ASP B 66 -27.07 0.74 -10.29
N GLY B 67 -25.97 -0.02 -10.38
CA GLY B 67 -25.86 -1.19 -11.27
C GLY B 67 -25.06 -0.92 -12.53
N SER B 68 -24.54 0.30 -12.72
CA SER B 68 -23.70 0.66 -13.89
C SER B 68 -22.35 -0.07 -13.83
N VAL B 69 -21.86 -0.42 -12.64
CA VAL B 69 -20.59 -1.21 -12.45
C VAL B 69 -20.91 -2.71 -12.48
N SER B 70 -22.07 -3.11 -11.93
CA SER B 70 -22.67 -4.46 -12.12
C SER B 70 -22.69 -4.83 -13.60
N ASN B 71 -22.98 -3.86 -14.48
CA ASN B 71 -23.15 -4.12 -15.93
C ASN B 71 -21.78 -4.35 -16.57
N ILE B 72 -20.83 -3.46 -16.30
CA ILE B 72 -19.40 -3.63 -16.70
C ILE B 72 -18.95 -5.00 -16.21
N LEU B 73 -19.15 -5.30 -14.93
CA LEU B 73 -18.79 -6.62 -14.35
C LEU B 73 -19.40 -7.75 -15.18
N PHE B 74 -20.69 -7.63 -15.57
CA PHE B 74 -21.46 -8.67 -16.29
C PHE B 74 -20.82 -8.98 -17.66
N GLN B 75 -20.35 -7.94 -18.35
CA GLN B 75 -19.71 -8.03 -19.70
C GLN B 75 -18.37 -8.77 -19.61
N HIS B 76 -17.78 -8.89 -18.41
CA HIS B 76 -16.49 -9.55 -18.14
C HIS B 76 -16.70 -10.99 -17.64
N LEU B 77 -17.91 -11.35 -17.23
CA LEU B 77 -18.20 -12.73 -16.79
C LEU B 77 -18.35 -13.63 -18.01
N PRO B 78 -18.15 -14.95 -17.88
CA PRO B 78 -18.38 -15.85 -19.00
C PRO B 78 -19.85 -15.87 -19.44
N LYS B 79 -20.09 -16.13 -20.73
CA LYS B 79 -21.43 -16.37 -21.32
C LYS B 79 -22.13 -17.54 -20.62
N ASP B 80 -21.40 -18.61 -20.32
CA ASP B 80 -21.93 -19.89 -19.76
C ASP B 80 -22.79 -19.62 -18.51
N ILE B 81 -22.54 -18.54 -17.74
CA ILE B 81 -23.11 -18.36 -16.37
C ILE B 81 -24.64 -18.38 -16.48
N GLU B 82 -25.29 -18.83 -15.40
CA GLU B 82 -26.76 -18.90 -15.29
C GLU B 82 -27.33 -17.62 -14.69
N LEU B 83 -26.72 -17.12 -13.62
CA LEU B 83 -27.31 -16.04 -12.78
C LEU B 83 -26.19 -15.09 -12.33
N LEU B 84 -26.40 -13.79 -12.52
CA LEU B 84 -25.81 -12.72 -11.70
C LEU B 84 -26.91 -12.07 -10.84
N LEU B 85 -26.98 -12.41 -9.56
CA LEU B 85 -27.78 -11.70 -8.53
C LEU B 85 -26.95 -10.54 -7.96
N SER B 86 -27.33 -9.28 -8.19
CA SER B 86 -26.64 -8.07 -7.64
C SER B 86 -27.43 -7.50 -6.46
N CYS B 87 -26.74 -7.25 -5.35
CA CYS B 87 -27.30 -6.92 -4.01
C CYS B 87 -26.78 -5.59 -3.48
N ASP B 88 -27.62 -4.87 -2.76
CA ASP B 88 -27.24 -3.60 -2.08
C ASP B 88 -28.16 -3.44 -0.88
N LYS B 89 -27.66 -2.79 0.17
CA LYS B 89 -28.37 -2.39 1.41
C LYS B 89 -29.37 -1.30 1.01
N ASN B 90 -29.10 -0.58 -0.09
CA ASN B 90 -29.82 0.65 -0.50
C ASN B 90 -31.01 0.28 -1.40
N GLU B 91 -32.21 0.32 -0.85
CA GLU B 91 -33.44 -0.15 -1.53
C GLU B 91 -33.68 0.71 -2.77
N LYS B 92 -33.32 2.00 -2.72
CA LYS B 92 -33.55 2.96 -3.83
C LYS B 92 -32.60 2.66 -5.00
N ALA B 93 -31.34 2.33 -4.70
CA ALA B 93 -30.33 1.90 -5.71
C ALA B 93 -30.74 0.56 -6.34
N VAL B 94 -31.20 -0.37 -5.52
CA VAL B 94 -31.72 -1.66 -6.06
C VAL B 94 -32.92 -1.40 -6.97
N GLN B 95 -33.77 -0.41 -6.67
CA GLN B 95 -34.95 -0.16 -7.55
C GLN B 95 -34.49 0.43 -8.87
N PHE B 96 -33.55 1.38 -8.84
CA PHE B 96 -33.00 2.01 -10.06
C PHE B 96 -32.33 0.95 -10.94
N ALA B 97 -31.55 0.04 -10.35
CA ALA B 97 -30.91 -1.07 -11.07
C ALA B 97 -31.98 -1.92 -11.77
N LYS B 98 -33.08 -2.28 -11.11
CA LYS B 98 -34.15 -3.15 -11.72
C LYS B 98 -34.68 -2.45 -12.97
N GLU B 99 -34.94 -1.14 -12.87
CA GLU B 99 -35.56 -0.33 -13.95
C GLU B 99 -34.62 -0.29 -15.16
N HIS B 100 -33.30 -0.19 -14.98
CA HIS B 100 -32.36 0.26 -16.04
C HIS B 100 -31.46 -0.88 -16.52
N TYR B 101 -30.94 -1.72 -15.62
CA TYR B 101 -29.83 -2.66 -15.93
C TYR B 101 -30.29 -4.13 -15.85
N LYS B 102 -31.58 -4.42 -16.06
CA LYS B 102 -32.07 -5.81 -15.96
C LYS B 102 -31.93 -6.52 -17.32
N ASN B 103 -31.54 -7.80 -17.27
CA ASN B 103 -31.54 -8.72 -18.43
C ASN B 103 -31.91 -10.09 -17.90
N ASN B 104 -32.13 -11.06 -18.78
CA ASN B 104 -32.70 -12.38 -18.40
C ASN B 104 -31.73 -13.12 -17.47
N LYS B 105 -30.43 -12.79 -17.50
CA LYS B 105 -29.38 -13.45 -16.67
C LYS B 105 -29.24 -12.79 -15.29
N THR B 106 -29.56 -11.50 -15.13
CA THR B 106 -29.38 -10.74 -13.85
C THR B 106 -30.72 -10.58 -13.12
N ALA B 107 -30.65 -10.55 -11.79
CA ALA B 107 -31.74 -10.21 -10.85
C ALA B 107 -31.13 -9.34 -9.75
N TYR B 108 -31.93 -8.54 -9.06
CA TYR B 108 -31.47 -7.62 -7.98
C TYR B 108 -32.21 -7.92 -6.68
N ARG B 109 -31.57 -7.61 -5.56
CA ARG B 109 -32.13 -7.90 -4.23
C ARG B 109 -31.57 -6.90 -3.22
N VAL B 110 -32.42 -6.46 -2.28
CA VAL B 110 -32.02 -5.72 -1.06
C VAL B 110 -31.44 -6.73 -0.07
N LEU B 111 -30.18 -6.55 0.32
CA LEU B 111 -29.45 -7.45 1.25
C LEU B 111 -28.41 -6.63 2.02
N ASP B 112 -28.40 -6.77 3.35
CA ASP B 112 -27.33 -6.27 4.26
C ASP B 112 -26.34 -7.41 4.47
N ILE B 113 -25.11 -7.28 3.98
CA ILE B 113 -24.12 -8.39 4.11
C ILE B 113 -23.59 -8.47 5.56
N GLU B 114 -23.82 -7.42 6.36
CA GLU B 114 -23.51 -7.43 7.83
C GLU B 114 -24.63 -8.13 8.61
N GLY B 115 -25.84 -8.21 8.05
CA GLY B 115 -27.01 -8.79 8.71
C GLY B 115 -27.08 -10.30 8.54
N ASP B 116 -28.25 -10.88 8.78
CA ASP B 116 -28.45 -12.35 8.75
C ASP B 116 -28.91 -12.69 7.34
N LEU B 117 -28.36 -13.75 6.75
CA LEU B 117 -28.69 -14.13 5.36
C LEU B 117 -30.10 -14.69 5.32
N PRO B 118 -30.86 -14.47 4.22
CA PRO B 118 -32.11 -15.18 4.01
C PRO B 118 -31.83 -16.64 3.60
N GLU B 119 -32.59 -17.58 4.17
CA GLU B 119 -32.39 -19.06 4.06
C GLU B 119 -32.12 -19.46 2.60
N ASP B 120 -32.94 -18.99 1.67
CA ASP B 120 -32.90 -19.47 0.25
C ASP B 120 -31.58 -19.11 -0.44
N LEU B 121 -30.79 -18.19 0.11
CA LEU B 121 -29.49 -17.80 -0.51
C LEU B 121 -28.37 -18.69 0.04
N LYS B 122 -28.46 -19.14 1.29
CA LYS B 122 -27.40 -19.94 1.95
C LYS B 122 -26.96 -21.08 1.04
N GLY B 123 -25.65 -21.11 0.70
CA GLY B 123 -24.96 -22.25 0.06
C GLY B 123 -25.18 -22.35 -1.44
N LYS B 124 -25.72 -21.32 -2.10
CA LYS B 124 -26.28 -21.42 -3.49
C LYS B 124 -25.28 -20.94 -4.54
N PHE B 125 -24.16 -20.34 -4.13
CA PHE B 125 -23.34 -19.53 -5.07
C PHE B 125 -21.97 -20.15 -5.27
N ASP B 126 -21.56 -20.13 -6.54
CA ASP B 126 -20.30 -20.70 -7.05
C ASP B 126 -19.25 -19.59 -6.94
N ASN B 127 -19.65 -18.33 -7.14
CA ASN B 127 -18.73 -17.15 -7.17
C ASN B 127 -19.39 -15.94 -6.48
N PHE B 128 -18.65 -15.32 -5.55
CA PHE B 128 -19.05 -14.10 -4.81
C PHE B 128 -18.11 -12.97 -5.20
N ILE B 129 -18.65 -11.83 -5.62
CA ILE B 129 -17.85 -10.66 -6.06
C ILE B 129 -18.33 -9.40 -5.33
N SER B 130 -17.36 -8.58 -4.91
CA SER B 130 -17.63 -7.29 -4.24
C SER B 130 -16.50 -6.33 -4.57
N LEU B 131 -16.78 -5.39 -5.47
CA LEU B 131 -15.84 -4.33 -5.89
C LEU B 131 -16.12 -3.07 -5.08
N MET B 132 -15.15 -2.64 -4.26
CA MET B 132 -15.06 -1.28 -3.67
C MET B 132 -16.23 -1.04 -2.72
N THR B 133 -16.58 -2.05 -1.94
CA THR B 133 -17.78 -2.10 -1.05
C THR B 133 -17.39 -2.42 0.40
N PHE B 134 -16.53 -3.42 0.60
CA PHE B 134 -16.24 -3.99 1.93
C PHE B 134 -15.55 -2.98 2.86
N HIS B 135 -14.95 -1.91 2.35
CA HIS B 135 -14.50 -0.78 3.21
C HIS B 135 -15.69 -0.03 3.84
N TRP B 136 -16.93 -0.22 3.39
CA TRP B 136 -18.12 0.40 4.03
C TRP B 136 -18.68 -0.52 5.13
N VAL B 137 -18.11 -1.69 5.32
CA VAL B 137 -18.63 -2.71 6.27
C VAL B 137 -17.75 -2.72 7.53
N PRO B 138 -18.26 -2.21 8.66
CA PRO B 138 -17.53 -2.28 9.93
C PRO B 138 -17.35 -3.71 10.46
N GLN B 139 -18.38 -4.56 10.42
CA GLN B 139 -18.34 -5.92 10.98
C GLN B 139 -17.77 -6.85 9.92
N GLN B 140 -16.46 -6.86 9.78
CA GLN B 140 -15.68 -7.62 8.76
C GLN B 140 -15.84 -9.14 8.97
N GLU B 141 -15.72 -9.63 10.20
CA GLU B 141 -15.75 -11.09 10.51
C GLU B 141 -17.17 -11.58 10.20
N LYS B 142 -18.18 -10.83 10.64
CA LYS B 142 -19.60 -11.18 10.38
C LYS B 142 -19.82 -11.24 8.87
N ALA B 143 -19.42 -10.18 8.14
CA ALA B 143 -19.59 -10.08 6.68
C ALA B 143 -18.91 -11.26 5.98
N PHE B 144 -17.67 -11.58 6.37
CA PHE B 144 -16.87 -12.66 5.72
C PHE B 144 -17.45 -14.04 6.07
N ARG B 145 -18.06 -14.19 7.24
CA ARG B 145 -18.80 -15.42 7.62
C ARG B 145 -20.00 -15.56 6.69
N ASN B 146 -20.61 -14.43 6.29
CA ASN B 146 -21.83 -14.43 5.44
C ASN B 146 -21.43 -14.70 3.99
N VAL B 147 -20.24 -14.26 3.59
CA VAL B 147 -19.69 -14.58 2.24
C VAL B 147 -19.56 -16.11 2.17
N TYR B 148 -18.94 -16.71 3.21
CA TYR B 148 -18.69 -18.16 3.37
C TYR B 148 -20.01 -18.94 3.28
N ASP B 149 -20.99 -18.52 4.07
CA ASP B 149 -22.32 -19.18 4.18
C ASP B 149 -23.06 -19.07 2.83
N LEU B 150 -22.73 -18.09 1.99
CA LEU B 150 -23.42 -17.86 0.69
C LEU B 150 -22.92 -18.86 -0.33
N LEU B 151 -21.67 -19.30 -0.18
CA LEU B 151 -20.95 -20.08 -1.24
C LEU B 151 -21.27 -21.56 -1.11
N ALA B 152 -21.39 -22.23 -2.25
CA ALA B 152 -21.36 -23.69 -2.40
C ALA B 152 -19.92 -24.13 -2.13
N GLU B 153 -19.69 -25.44 -2.07
CA GLU B 153 -18.31 -25.97 -1.88
C GLU B 153 -17.52 -25.60 -3.14
N ASP B 154 -16.25 -25.27 -2.94
CA ASP B 154 -15.31 -24.81 -4.00
C ASP B 154 -15.75 -23.47 -4.56
N GLY B 155 -16.57 -22.71 -3.86
CA GLY B 155 -16.88 -21.32 -4.24
C GLY B 155 -15.64 -20.46 -4.22
N GLU B 156 -15.48 -19.57 -5.20
CA GLU B 156 -14.43 -18.52 -5.18
C GLU B 156 -15.05 -17.21 -4.70
N CYS B 157 -14.27 -16.42 -3.98
CA CYS B 157 -14.66 -15.09 -3.46
C CYS B 157 -13.66 -14.10 -4.05
N PHE B 158 -14.14 -12.97 -4.58
CA PHE B 158 -13.29 -11.92 -5.18
C PHE B 158 -13.78 -10.58 -4.66
N LEU B 159 -12.93 -9.93 -3.86
CA LEU B 159 -13.22 -8.61 -3.23
C LEU B 159 -12.09 -7.63 -3.54
N THR B 160 -12.45 -6.36 -3.66
CA THR B 160 -11.53 -5.20 -3.60
C THR B 160 -12.02 -4.25 -2.49
N LEU B 161 -11.10 -3.70 -1.72
CA LEU B 161 -11.50 -2.67 -0.73
C LEU B 161 -10.33 -1.74 -0.39
N LYS B 162 -10.68 -0.51 -0.05
CA LYS B 162 -9.74 0.55 0.41
C LYS B 162 -9.27 0.24 1.83
N SER B 163 -8.00 0.53 2.09
CA SER B 163 -7.45 0.82 3.42
C SER B 163 -7.17 2.32 3.49
N TYR B 164 -5.91 2.76 3.62
CA TYR B 164 -5.55 4.19 3.63
C TYR B 164 -6.01 4.84 2.34
N SER B 165 -6.32 6.13 2.43
CA SER B 165 -6.76 6.99 1.30
C SER B 165 -6.52 8.44 1.67
N HIS B 166 -6.18 9.26 0.68
CA HIS B 166 -6.03 10.73 0.88
C HIS B 166 -7.42 11.34 1.12
N ILE B 167 -8.47 10.75 0.53
CA ILE B 167 -9.89 11.19 0.72
C ILE B 167 -10.25 11.06 2.20
N TYR B 168 -10.02 9.90 2.78
CA TYR B 168 -10.33 9.65 4.21
C TYR B 168 -9.57 10.67 5.07
N HIS B 169 -8.29 10.84 4.77
CA HIS B 169 -7.39 11.70 5.56
C HIS B 169 -7.95 13.14 5.53
N MET B 170 -8.51 13.56 4.40
CA MET B 170 -9.19 14.88 4.34
C MET B 170 -10.23 14.97 5.46
N PHE B 171 -11.05 13.93 5.64
CA PHE B 171 -12.13 13.85 6.65
C PHE B 171 -11.50 13.81 8.04
N VAL B 172 -10.37 13.12 8.18
CA VAL B 172 -9.68 12.99 9.49
C VAL B 172 -9.18 14.38 9.92
N LEU B 173 -8.57 15.16 9.02
CA LEU B 173 -8.15 16.57 9.31
C LEU B 173 -9.37 17.38 9.77
N GLN B 174 -10.43 17.37 8.97
CA GLN B 174 -11.71 18.06 9.29
C GLN B 174 -12.12 17.73 10.74
N SER B 175 -12.09 16.46 11.15
CA SER B 175 -12.60 15.97 12.45
C SER B 175 -11.77 16.50 13.62
N LYS B 176 -10.52 16.89 13.36
CA LYS B 176 -9.62 17.45 14.38
C LYS B 176 -10.12 18.86 14.75
N SER B 177 -10.59 19.60 13.74
CA SER B 177 -10.97 21.04 13.87
C SER B 177 -11.93 21.23 15.06
N ARG B 178 -11.83 22.35 15.76
CA ARG B 178 -12.65 22.65 16.97
C ARG B 178 -14.12 22.78 16.56
N LYS B 179 -14.39 23.34 15.38
CA LYS B 179 -15.75 23.66 14.91
C LYS B 179 -16.48 22.37 14.51
N TRP B 180 -15.86 21.51 13.69
CA TRP B 180 -16.54 20.39 12.99
C TRP B 180 -16.41 19.06 13.76
N GLY B 181 -15.44 18.95 14.67
CA GLY B 181 -15.15 17.71 15.42
C GLY B 181 -16.37 17.20 16.19
N PRO B 182 -17.13 18.07 16.91
CA PRO B 182 -18.36 17.67 17.61
C PRO B 182 -19.43 16.97 16.74
N PHE B 183 -19.42 17.17 15.41
CA PHE B 183 -20.42 16.57 14.48
C PHE B 183 -19.83 15.35 13.76
N MET B 184 -18.59 14.94 14.08
CA MET B 184 -17.85 13.90 13.32
C MET B 184 -17.35 12.79 14.27
N LYS B 185 -18.23 12.31 15.15
CA LYS B 185 -17.85 11.41 16.28
C LYS B 185 -18.00 9.94 15.83
N ASN B 186 -18.82 9.67 14.81
CA ASN B 186 -18.99 8.33 14.19
C ASN B 186 -17.87 8.12 13.14
N MET B 187 -16.72 8.80 13.29
CA MET B 187 -15.64 8.82 12.28
C MET B 187 -15.11 7.40 12.02
N LYS B 188 -14.84 6.59 13.05
CA LYS B 188 -14.24 5.24 12.89
C LYS B 188 -15.12 4.33 12.00
N ASN B 189 -16.45 4.41 12.09
CA ASN B 189 -17.38 3.57 11.29
C ASN B 189 -17.43 4.03 9.81
N PHE B 190 -17.00 5.25 9.51
CA PHE B 190 -16.98 5.81 8.14
C PHE B 190 -15.67 5.42 7.45
N LEU B 191 -14.55 5.58 8.17
CA LEU B 191 -13.20 5.22 7.68
C LEU B 191 -13.20 3.72 7.36
N SER B 192 -12.37 3.29 6.40
CA SER B 192 -12.08 1.86 6.17
C SER B 192 -11.65 1.26 7.50
N PRO B 193 -12.07 0.04 7.83
CA PRO B 193 -11.60 -0.62 9.04
C PRO B 193 -10.06 -0.70 9.03
N TYR B 194 -9.44 -0.59 7.84
CA TYR B 194 -7.98 -0.80 7.61
C TYR B 194 -7.26 0.54 7.37
N TYR B 195 -7.92 1.68 7.59
CA TYR B 195 -7.35 3.03 7.34
C TYR B 195 -5.99 3.16 8.02
N ASP B 196 -5.91 2.89 9.33
CA ASP B 196 -4.69 3.04 10.18
C ASP B 196 -4.07 1.69 10.64
N LEU B 197 -4.31 0.55 9.97
CA LEU B 197 -3.67 -0.75 10.33
C LEU B 197 -2.36 -0.94 9.58
N SER B 198 -1.36 -1.49 10.24
CA SER B 198 -0.14 -2.03 9.58
C SER B 198 -0.49 -3.42 9.03
N MET B 199 -0.06 -3.72 7.82
CA MET B 199 -0.22 -5.03 7.14
C MET B 199 -1.68 -5.50 7.19
N PRO B 200 -2.62 -4.73 6.59
CA PRO B 200 -4.03 -5.12 6.46
C PRO B 200 -4.27 -6.35 5.58
N ASP B 201 -3.38 -6.62 4.63
CA ASP B 201 -3.38 -7.89 3.86
C ASP B 201 -3.35 -9.08 4.84
N GLN B 202 -2.56 -9.02 5.91
CA GLN B 202 -2.36 -10.16 6.87
C GLN B 202 -3.47 -10.19 7.90
N HIS B 203 -3.99 -9.03 8.32
CA HIS B 203 -5.17 -8.99 9.20
C HIS B 203 -6.37 -9.63 8.46
N ILE B 204 -6.53 -9.37 7.14
CA ILE B 204 -7.67 -9.87 6.31
C ILE B 204 -7.52 -11.39 6.13
N ALA B 205 -6.31 -11.85 5.78
CA ALA B 205 -5.98 -13.26 5.54
C ALA B 205 -6.32 -14.08 6.78
N LYS B 206 -6.09 -13.51 7.95
CA LYS B 206 -6.28 -14.12 9.29
C LYS B 206 -7.77 -14.37 9.55
N ILE B 207 -8.57 -13.30 9.44
CA ILE B 207 -10.06 -13.35 9.45
C ILE B 207 -10.51 -14.47 8.51
N LEU B 208 -10.07 -14.43 7.25
CA LEU B 208 -10.53 -15.36 6.19
C LEU B 208 -10.20 -16.78 6.60
N LYS B 209 -8.94 -17.04 6.93
CA LYS B 209 -8.44 -18.36 7.39
C LYS B 209 -9.31 -18.83 8.57
N ASN B 210 -9.56 -17.93 9.51
CA ASN B 210 -10.29 -18.16 10.78
C ASN B 210 -11.76 -18.49 10.50
N VAL B 211 -12.35 -17.82 9.51
CA VAL B 211 -13.76 -18.03 9.07
C VAL B 211 -13.83 -19.42 8.43
N GLY B 212 -12.80 -19.80 7.68
CA GLY B 212 -12.70 -21.17 7.14
C GLY B 212 -12.44 -21.21 5.66
N PHE B 213 -11.82 -20.19 5.09
CA PHE B 213 -11.54 -20.15 3.64
C PHE B 213 -10.22 -20.88 3.37
N LYS B 214 -9.89 -21.07 2.09
CA LYS B 214 -8.66 -21.75 1.60
C LYS B 214 -8.08 -20.98 0.41
N ASN B 215 -6.81 -21.20 0.09
CA ASN B 215 -6.19 -20.65 -1.14
C ASN B 215 -6.27 -19.12 -1.06
N ILE B 216 -6.06 -18.63 0.18
CA ILE B 216 -6.24 -17.22 0.56
C ILE B 216 -5.06 -16.43 -0.01
N ASP B 217 -5.33 -15.58 -0.99
CA ASP B 217 -4.39 -14.60 -1.58
C ASP B 217 -4.96 -13.22 -1.25
N VAL B 218 -4.28 -12.45 -0.39
CA VAL B 218 -4.60 -11.00 -0.18
C VAL B 218 -3.42 -10.17 -0.67
N ARG B 219 -3.67 -9.26 -1.60
CA ARG B 219 -2.59 -8.44 -2.17
C ARG B 219 -2.98 -6.97 -2.03
N SER B 220 -2.03 -6.14 -1.58
CA SER B 220 -2.20 -4.68 -1.39
C SER B 220 -1.64 -3.96 -2.60
N LYS B 221 -2.27 -2.88 -3.03
CA LYS B 221 -1.82 -2.10 -4.20
C LYS B 221 -1.86 -0.64 -3.79
N GLN B 222 -0.89 0.13 -4.23
CA GLN B 222 -0.88 1.60 -4.09
C GLN B 222 -1.46 2.12 -5.40
N LYS B 223 -2.56 2.86 -5.37
CA LYS B 223 -3.20 3.45 -6.58
C LYS B 223 -3.12 4.97 -6.54
N MET B 224 -2.98 5.59 -7.71
CA MET B 224 -3.05 7.05 -7.89
C MET B 224 -4.16 7.34 -8.90
N TYR B 225 -5.08 8.23 -8.54
CA TYR B 225 -6.12 8.72 -9.46
C TYR B 225 -6.04 10.25 -9.53
N THR B 226 -6.06 10.79 -10.74
CA THR B 226 -6.02 12.25 -11.01
C THR B 226 -7.43 12.70 -11.42
N PHE B 227 -8.03 13.59 -10.61
CA PHE B 227 -9.21 14.43 -10.94
C PHE B 227 -8.77 15.63 -11.78
N LYS B 228 -9.51 15.89 -12.86
CA LYS B 228 -9.24 16.97 -13.85
C LYS B 228 -10.28 18.09 -13.71
N ASN B 229 -11.38 17.88 -12.98
CA ASN B 229 -12.44 18.90 -12.75
C ASN B 229 -12.65 19.06 -11.24
N LEU B 230 -12.25 20.21 -10.67
CA LEU B 230 -12.35 20.49 -9.22
C LEU B 230 -13.80 20.78 -8.82
N GLU B 231 -14.65 21.24 -9.75
CA GLU B 231 -16.10 21.44 -9.49
C GLU B 231 -16.78 20.07 -9.29
N LYS B 232 -16.49 19.10 -10.17
CA LYS B 232 -17.06 17.74 -10.07
C LYS B 232 -16.67 17.17 -8.71
N PHE B 233 -15.44 17.45 -8.23
CA PHE B 233 -14.80 16.82 -7.04
C PHE B 233 -15.53 17.25 -5.76
N ARG B 234 -15.63 18.55 -5.54
CA ARG B 234 -16.47 19.13 -4.45
C ARG B 234 -17.83 18.42 -4.40
N GLY B 235 -18.45 18.14 -5.55
CA GLY B 235 -19.71 17.39 -5.63
C GLY B 235 -19.58 16.00 -5.03
N LEU B 236 -18.48 15.29 -5.36
CA LEU B 236 -18.22 13.91 -4.87
C LEU B 236 -17.99 13.93 -3.35
N MET B 237 -17.32 14.95 -2.82
CA MET B 237 -17.14 15.14 -1.35
C MET B 237 -18.50 15.28 -0.65
N ILE B 238 -19.35 16.15 -1.18
CA ILE B 238 -20.75 16.33 -0.68
C ILE B 238 -21.44 14.97 -0.76
N GLY B 239 -21.18 14.21 -1.83
CA GLY B 239 -21.75 12.86 -2.05
C GLY B 239 -21.24 11.82 -1.07
N VAL B 240 -19.92 11.74 -0.82
CA VAL B 240 -19.31 10.72 0.09
C VAL B 240 -19.55 11.13 1.54
N ASN B 241 -19.84 12.41 1.81
CA ASN B 241 -19.88 12.97 3.19
C ASN B 241 -21.05 12.36 3.96
N PRO B 242 -20.81 11.68 5.10
CA PRO B 242 -21.88 11.14 5.95
C PRO B 242 -22.24 11.97 7.19
N PHE B 243 -21.45 12.98 7.52
CA PHE B 243 -21.67 13.78 8.77
C PHE B 243 -22.75 14.82 8.48
N LYS B 244 -23.71 14.94 9.40
CA LYS B 244 -24.78 15.98 9.43
C LYS B 244 -24.25 17.15 10.26
N VAL B 245 -24.22 18.33 9.67
CA VAL B 245 -23.91 19.60 10.38
C VAL B 245 -25.11 20.50 10.21
N PRO B 246 -25.25 21.59 10.99
CA PRO B 246 -26.34 22.54 10.79
C PRO B 246 -26.33 23.09 9.36
N GLU B 247 -27.51 23.15 8.75
CA GLU B 247 -27.74 23.61 7.37
C GLU B 247 -27.02 24.95 7.10
N ASN B 248 -27.11 25.91 8.02
CA ASN B 248 -26.53 27.26 7.86
C ASN B 248 -24.99 27.14 7.82
N GLU B 249 -24.42 26.13 8.50
CA GLU B 249 -22.95 25.91 8.54
C GLU B 249 -22.47 25.06 7.34
N PHE B 250 -23.36 24.41 6.60
CA PHE B 250 -23.00 23.36 5.62
C PHE B 250 -22.02 23.88 4.55
N GLU B 251 -22.26 25.04 3.96
CA GLU B 251 -21.35 25.59 2.92
C GLU B 251 -19.96 25.80 3.53
N ASN B 252 -19.85 26.31 4.76
CA ASN B 252 -18.55 26.50 5.45
C ASN B 252 -17.83 25.16 5.67
N TYR B 253 -18.51 24.19 6.28
CA TYR B 253 -18.05 22.79 6.48
C TYR B 253 -17.40 22.30 5.18
N ILE B 254 -18.07 22.43 4.03
CA ILE B 254 -17.56 21.91 2.73
C ILE B 254 -16.36 22.75 2.28
N ASP B 255 -16.39 24.05 2.57
CA ASP B 255 -15.29 24.96 2.20
C ASP B 255 -14.01 24.45 2.91
N ASP B 256 -14.11 24.12 4.19
CA ASP B 256 -12.95 23.74 5.04
C ASP B 256 -12.44 22.37 4.60
N LEU B 257 -13.36 21.45 4.31
CA LEU B 257 -13.11 20.11 3.72
C LEU B 257 -12.32 20.25 2.42
N MET B 258 -12.68 21.21 1.56
CA MET B 258 -11.92 21.46 0.31
C MET B 258 -10.55 22.05 0.66
N GLU B 259 -10.43 22.76 1.79
CA GLU B 259 -9.14 23.35 2.25
C GLU B 259 -8.18 22.22 2.67
N THR B 260 -8.69 21.12 3.25
CA THR B 260 -7.85 19.99 3.71
C THR B 260 -7.04 19.42 2.55
N ALA B 261 -7.60 19.37 1.32
CA ALA B 261 -6.87 18.94 0.10
C ALA B 261 -5.73 19.93 -0.22
N ARG B 262 -5.92 21.23 0.03
CA ARG B 262 -4.84 22.23 -0.17
C ARG B 262 -3.80 21.99 0.92
N THR B 263 -4.22 21.69 2.16
CA THR B 263 -3.37 21.39 3.34
C THR B 263 -2.42 20.21 3.04
N LEU B 264 -2.92 19.15 2.42
CA LEU B 264 -2.14 17.95 2.01
C LEU B 264 -1.38 18.23 0.72
N ARG B 265 -1.70 19.35 0.04
CA ARG B 265 -1.07 19.88 -1.20
C ARG B 265 -1.19 18.83 -2.31
N ILE B 266 -2.40 18.27 -2.48
CA ILE B 266 -2.75 17.30 -3.55
C ILE B 266 -3.67 17.95 -4.61
N ILE B 267 -4.08 19.21 -4.39
CA ILE B 267 -4.63 20.09 -5.47
C ILE B 267 -3.44 20.75 -6.17
N ASP B 268 -3.47 20.81 -7.50
CA ASP B 268 -2.59 21.65 -8.36
C ASP B 268 -3.43 22.85 -8.83
N GLU B 269 -3.14 24.05 -8.31
CA GLU B 269 -4.07 25.20 -8.40
C GLU B 269 -4.02 25.80 -9.82
N GLU B 270 -2.88 25.77 -10.51
CA GLU B 270 -2.77 26.31 -11.89
C GLU B 270 -3.67 25.51 -12.84
N ASN B 271 -3.46 24.19 -12.92
CA ASN B 271 -4.04 23.32 -13.97
C ASN B 271 -5.39 22.73 -13.52
N GLY B 272 -5.88 23.08 -12.33
CA GLY B 272 -7.19 22.64 -11.82
C GLY B 272 -7.30 21.12 -11.84
N THR B 273 -6.31 20.43 -11.27
CA THR B 273 -6.30 18.95 -11.13
C THR B 273 -6.10 18.58 -9.64
N LEU B 274 -6.73 17.50 -9.19
CA LEU B 274 -6.50 16.91 -7.84
C LEU B 274 -6.06 15.45 -8.03
N SER B 275 -4.83 15.10 -7.66
CA SER B 275 -4.36 13.69 -7.74
C SER B 275 -4.19 13.13 -6.33
N PHE B 276 -4.89 12.04 -6.02
CA PHE B 276 -4.97 11.48 -4.66
C PHE B 276 -4.56 10.02 -4.68
N LEU B 277 -3.84 9.62 -3.64
CA LEU B 277 -3.38 8.22 -3.41
C LEU B 277 -4.46 7.46 -2.63
N PHE B 278 -4.61 6.18 -2.89
CA PHE B 278 -5.38 5.26 -2.02
C PHE B 278 -4.76 3.87 -2.15
N ASN B 279 -4.71 3.16 -1.02
CA ASN B 279 -4.30 1.74 -0.98
C ASN B 279 -5.54 0.87 -1.21
N MET B 280 -5.43 -0.13 -2.08
CA MET B 280 -6.46 -1.16 -2.40
C MET B 280 -5.98 -2.50 -1.84
N ASN B 281 -6.92 -3.36 -1.43
CA ASN B 281 -6.68 -4.77 -1.03
C ASN B 281 -7.56 -5.67 -1.90
N ILE B 282 -6.95 -6.60 -2.63
CA ILE B 282 -7.68 -7.56 -3.49
C ILE B 282 -7.63 -8.89 -2.75
N VAL B 283 -8.80 -9.46 -2.50
CA VAL B 283 -8.99 -10.77 -1.82
C VAL B 283 -9.43 -11.80 -2.86
N HIS B 284 -8.75 -12.95 -2.87
CA HIS B 284 -9.12 -14.16 -3.66
C HIS B 284 -8.99 -15.38 -2.76
N CYS B 285 -10.05 -16.16 -2.67
CA CYS B 285 -10.20 -17.16 -1.61
C CYS B 285 -11.17 -18.21 -2.17
N THR B 286 -11.20 -19.42 -1.60
CA THR B 286 -12.14 -20.49 -2.00
C THR B 286 -12.73 -21.12 -0.75
N LYS B 287 -13.93 -21.68 -0.86
CA LYS B 287 -14.58 -22.46 0.21
C LYS B 287 -14.09 -23.92 0.15
N SAH C . -19.54 -1.37 -5.59
CA SAH C . -19.88 -0.21 -6.45
CB SAH C . -20.30 0.99 -5.61
CG SAH C . -19.40 1.24 -4.43
SD SAH C . -20.27 2.03 -3.08
C SAH C . -18.67 0.15 -7.30
O SAH C . -17.75 -0.67 -7.38
OXT SAH C . -18.71 1.22 -7.88
C5' SAH C . -20.63 0.62 -2.01
C4' SAH C . -22.06 0.19 -2.09
O4' SAH C . -22.26 -0.91 -1.18
C3' SAH C . -23.09 1.26 -1.72
O3' SAH C . -24.19 1.28 -2.62
C2' SAH C . -23.53 0.85 -0.32
O2' SAH C . -24.88 1.22 -0.04
C1' SAH C . -23.41 -0.66 -0.39
N9 SAH C . -23.23 -1.29 0.91
C8 SAH C . -22.59 -0.76 2.00
N7 SAH C . -22.61 -1.55 3.04
C5 SAH C . -23.32 -2.66 2.62
C6 SAH C . -23.68 -3.85 3.27
N6 SAH C . -23.38 -4.12 4.53
N1 SAH C . -24.39 -4.75 2.56
C2 SAH C . -24.69 -4.47 1.28
N3 SAH C . -24.40 -3.39 0.57
C4 SAH C . -23.71 -2.51 1.30
#